data_6TKP
#
_entry.id   6TKP
#
_cell.length_a   42.010
_cell.length_b   77.080
_cell.length_c   148.360
_cell.angle_alpha   90.000
_cell.angle_beta   90.000
_cell.angle_gamma   90.000
#
_symmetry.space_group_name_H-M   'P 21 21 21'
#
loop_
_entity.id
_entity.type
_entity.pdbx_description
1 polymer Tankyrase-2
2 non-polymer ~{N}-[3-[4-(2-chlorophenyl)-5-(5-ethoxypyridin-2-yl)-1,2,4-triazol-3-yl]cyclobutyl]-1,5-naphthyridine-4-carboxamide
3 non-polymer 'ZINC ION'
4 water water
#
_entity_poly.entity_id   1
_entity_poly.type   'polypeptide(L)'
_entity_poly.pdbx_seq_one_letter_code
;MHHHHHHSSGVDLGTENLYFQSMLNTSGSGTILIDLSPDDKEFQSVEEEMQSTVREHRDGGHAGGIFNRYNILKIQKVCN
KKLWERYTHRRKEVSEENHNHANERMLFHGSPFVNAIIHKGFDERHAYIGGMFGAGIYFAENSSKSNQYVYGIGGGTGCP
VHKDRSCYICHRQLLFCRVTLGKSFLQFSAMKMAHSPPGHHSVTGRPSVNGLALAEYVIYRGEQAYPEYLITYQIMRPEG
;
_entity_poly.pdbx_strand_id   AAA,BBB
#
# COMPACT_ATOMS: atom_id res chain seq x y z
N SER A 29 -2.26 0.01 24.14
CA SER A 29 -1.56 0.00 22.81
C SER A 29 -0.77 -1.31 22.63
N GLY A 30 -0.25 -1.88 23.74
CA GLY A 30 0.52 -3.12 23.75
C GLY A 30 2.03 -2.89 23.75
N THR A 31 2.47 -1.63 23.60
CA THR A 31 3.91 -1.25 23.48
C THR A 31 4.53 -1.12 24.88
N ILE A 32 5.61 -1.87 25.12
CA ILE A 32 6.50 -1.77 26.32
C ILE A 32 7.86 -1.27 25.84
N LEU A 33 8.44 -0.30 26.54
CA LEU A 33 9.79 0.25 26.26
C LEU A 33 10.77 -0.28 27.31
N ILE A 34 11.86 -0.92 26.85
CA ILE A 34 12.94 -1.46 27.72
C ILE A 34 14.13 -0.50 27.66
N ASP A 35 14.38 0.24 28.74
CA ASP A 35 15.53 1.17 28.88
C ASP A 35 16.80 0.34 28.89
N LEU A 36 17.66 0.52 27.89
CA LEU A 36 18.98 -0.17 27.78
C LEU A 36 20.01 0.65 28.57
N SER A 37 20.83 -0.03 29.37
CA SER A 37 21.95 0.58 30.14
C SER A 37 23.09 0.93 29.18
N PRO A 38 23.76 2.09 29.35
CA PRO A 38 24.92 2.44 28.51
C PRO A 38 26.04 1.38 28.49
N ASP A 39 26.12 0.52 29.51
CA ASP A 39 27.14 -0.56 29.63
C ASP A 39 26.72 -1.79 28.82
N ASP A 40 25.46 -1.85 28.38
CA ASP A 40 24.89 -2.97 27.57
C ASP A 40 25.47 -2.89 26.15
N LYS A 41 25.88 -4.03 25.60
CA LYS A 41 26.47 -4.16 24.23
C LYS A 41 25.42 -3.76 23.18
N GLU A 42 24.14 -4.01 23.45
CA GLU A 42 23.00 -3.68 22.55
C GLU A 42 22.85 -2.15 22.45
N PHE A 43 22.92 -1.45 23.58
CA PHE A 43 22.95 0.04 23.66
C PHE A 43 24.12 0.57 22.83
N GLN A 44 25.33 0.05 23.11
CA GLN A 44 26.61 0.50 22.50
C GLN A 44 26.58 0.29 20.99
N SER A 45 25.96 -0.81 20.53
CA SER A 45 25.84 -1.17 19.10
C SER A 45 25.01 -0.13 18.35
N VAL A 46 23.85 0.26 18.91
CA VAL A 46 22.94 1.29 18.35
C VAL A 46 23.62 2.66 18.44
N GLU A 47 24.27 2.94 19.57
CA GLU A 47 25.01 4.20 19.85
C GLU A 47 26.08 4.41 18.79
N GLU A 48 26.86 3.37 18.47
CA GLU A 48 28.00 3.47 17.52
C GLU A 48 27.45 3.68 16.10
N GLU A 49 26.39 2.95 15.72
CA GLU A 49 25.72 3.10 14.40
C GLU A 49 25.23 4.55 14.24
N MET A 50 24.67 5.11 15.31
CA MET A 50 24.16 6.50 15.34
C MET A 50 25.31 7.46 15.06
N GLN A 51 26.41 7.36 15.82
CA GLN A 51 27.56 8.31 15.77
C GLN A 51 28.35 8.12 14.47
N SER A 52 28.63 6.88 14.07
CA SER A 52 29.58 6.52 12.98
C SER A 52 29.00 6.84 11.60
N THR A 53 27.67 6.95 11.46
CA THR A 53 26.98 7.14 10.16
C THR A 53 26.60 8.61 9.95
N VAL A 54 27.13 9.52 10.78
CA VAL A 54 26.99 10.99 10.60
C VAL A 54 27.86 11.41 9.40
N ARG A 55 27.32 12.28 8.55
CA ARG A 55 28.04 12.89 7.40
C ARG A 55 27.84 14.40 7.45
N GLU A 56 28.65 15.13 6.69
CA GLU A 56 28.47 16.59 6.41
C GLU A 56 27.49 16.69 5.23
N HIS A 57 26.42 17.47 5.39
CA HIS A 57 25.31 17.59 4.40
C HIS A 57 25.53 18.83 3.53
N ARG A 58 25.08 18.75 2.27
CA ARG A 58 25.30 19.79 1.22
C ARG A 58 24.70 21.12 1.67
N ASP A 59 23.64 21.10 2.49
CA ASP A 59 22.86 22.29 2.91
C ASP A 59 23.57 23.04 4.06
N GLY A 60 24.74 22.56 4.50
CA GLY A 60 25.55 23.19 5.57
C GLY A 60 24.80 23.23 6.89
N GLY A 61 23.89 22.27 7.12
CA GLY A 61 23.15 22.11 8.38
C GLY A 61 21.85 22.88 8.41
N HIS A 62 21.37 23.40 7.26
CA HIS A 62 20.11 24.18 7.16
C HIS A 62 18.95 23.39 7.78
N ALA A 63 18.83 22.10 7.43
CA ALA A 63 17.65 21.26 7.77
C ALA A 63 17.81 20.61 9.15
N GLY A 64 18.95 19.98 9.43
CA GLY A 64 19.17 19.15 10.63
C GLY A 64 20.05 19.81 11.69
N GLY A 65 20.71 20.93 11.36
CA GLY A 65 21.61 21.65 12.27
C GLY A 65 23.07 21.33 12.00
N ILE A 66 23.97 22.04 12.68
CA ILE A 66 25.46 21.90 12.54
C ILE A 66 25.96 21.06 13.72
N PHE A 67 26.58 19.92 13.43
CA PHE A 67 27.08 18.93 14.42
C PHE A 67 27.92 17.90 13.66
N ASN A 68 28.88 17.26 14.34
CA ASN A 68 29.60 16.06 13.82
C ASN A 68 29.36 14.88 14.77
N ARG A 69 28.63 15.10 15.87
CA ARG A 69 28.40 14.08 16.93
C ARG A 69 27.05 14.35 17.64
N TYR A 70 26.51 13.34 18.31
CA TYR A 70 25.29 13.45 19.16
C TYR A 70 25.65 13.26 20.63
N ASN A 71 24.81 13.81 21.51
CA ASN A 71 24.70 13.46 22.94
C ASN A 71 23.60 12.40 23.06
N ILE A 72 23.98 11.12 23.16
CA ILE A 72 23.03 9.97 23.26
C ILE A 72 22.53 9.89 24.70
N LEU A 73 21.26 10.23 24.94
CA LEU A 73 20.65 10.36 26.28
C LEU A 73 20.00 9.04 26.69
N LYS A 74 19.32 8.38 25.76
CA LYS A 74 18.52 7.16 26.06
C LYS A 74 18.30 6.32 24.80
N ILE A 75 18.45 5.01 24.93
CA ILE A 75 18.09 4.01 23.87
C ILE A 75 17.15 3.00 24.52
N GLN A 76 15.96 2.83 23.94
CA GLN A 76 14.89 1.93 24.45
C GLN A 76 14.54 0.93 23.34
N LYS A 77 14.56 -0.36 23.64
CA LYS A 77 13.99 -1.40 22.75
C LYS A 77 12.46 -1.28 22.81
N VAL A 78 11.83 -1.16 21.64
CA VAL A 78 10.34 -1.11 21.50
C VAL A 78 9.86 -2.55 21.37
N CYS A 79 9.04 -3.00 22.34
CA CYS A 79 8.42 -4.35 22.36
CA CYS A 79 8.42 -4.35 22.36
C CYS A 79 6.91 -4.22 22.19
N ASN A 80 6.39 -4.69 21.05
CA ASN A 80 4.93 -4.73 20.74
C ASN A 80 4.66 -6.00 19.95
N LYS A 81 4.05 -7.00 20.61
CA LYS A 81 3.72 -8.33 20.04
C LYS A 81 3.00 -8.15 18.70
N LYS A 82 1.90 -7.40 18.68
CA LYS A 82 1.03 -7.22 17.49
C LYS A 82 1.87 -6.64 16.35
N LEU A 83 2.64 -5.59 16.61
CA LEU A 83 3.43 -4.88 15.58
C LEU A 83 4.54 -5.79 15.05
N TRP A 84 5.13 -6.62 15.92
CA TRP A 84 6.20 -7.58 15.52
C TRP A 84 5.61 -8.64 14.58
N GLU A 85 4.45 -9.19 14.91
CA GLU A 85 3.76 -10.26 14.12
C GLU A 85 3.33 -9.69 12.77
N ARG A 86 2.82 -8.47 12.75
CA ARG A 86 2.48 -7.71 11.50
C ARG A 86 3.72 -7.68 10.59
N TYR A 87 4.88 -7.31 11.16
CA TYR A 87 6.17 -7.20 10.45
C TYR A 87 6.59 -8.57 9.87
N THR A 88 6.73 -9.59 10.72
CA THR A 88 7.27 -10.92 10.32
C THR A 88 6.35 -11.56 9.27
N HIS A 89 5.03 -11.38 9.38
CA HIS A 89 4.03 -11.90 8.41
C HIS A 89 4.31 -11.31 7.03
N ARG A 90 4.47 -9.99 6.95
CA ARG A 90 4.78 -9.26 5.71
C ARG A 90 6.16 -9.70 5.19
N ARG A 91 7.13 -9.87 6.09
CA ARG A 91 8.52 -10.25 5.76
C ARG A 91 8.52 -11.60 5.03
N LYS A 92 7.71 -12.55 5.49
CA LYS A 92 7.56 -13.90 4.88
C LYS A 92 7.05 -13.75 3.45
N GLU A 93 6.00 -12.94 3.24
CA GLU A 93 5.39 -12.71 1.91
C GLU A 93 6.44 -12.13 0.96
N VAL A 94 7.20 -11.13 1.43
CA VAL A 94 8.23 -10.42 0.61
C VAL A 94 9.31 -11.44 0.22
N SER A 95 9.78 -12.26 1.17
CA SER A 95 10.84 -13.27 0.95
C SER A 95 10.42 -14.22 -0.19
N GLU A 96 9.18 -14.70 -0.18
CA GLU A 96 8.66 -15.69 -1.17
C GLU A 96 8.59 -15.04 -2.56
N GLU A 97 8.41 -13.72 -2.64
CA GLU A 97 8.33 -12.96 -3.92
C GLU A 97 9.72 -12.49 -4.37
N ASN A 98 10.77 -12.75 -3.57
CA ASN A 98 12.14 -12.24 -3.84
C ASN A 98 13.18 -13.35 -3.61
N HIS A 99 12.89 -14.58 -4.07
CA HIS A 99 13.85 -15.72 -4.11
C HIS A 99 14.33 -16.05 -2.69
N ASN A 100 13.39 -16.05 -1.74
CA ASN A 100 13.61 -16.36 -0.29
C ASN A 100 14.63 -15.39 0.31
N HIS A 101 14.58 -14.11 -0.09
CA HIS A 101 15.42 -13.03 0.48
C HIS A 101 14.52 -11.85 0.87
N ALA A 102 14.48 -11.55 2.18
CA ALA A 102 13.74 -10.40 2.76
C ALA A 102 14.41 -9.09 2.35
N ASN A 103 15.73 -9.11 2.19
CA ASN A 103 16.57 -7.89 2.03
C ASN A 103 16.28 -6.99 3.22
N GLU A 104 16.41 -7.56 4.42
CA GLU A 104 16.17 -6.88 5.72
C GLU A 104 17.38 -6.01 6.05
N ARG A 105 17.14 -4.75 6.39
CA ARG A 105 18.18 -3.76 6.75
C ARG A 105 17.79 -3.08 8.06
N MET A 106 18.77 -2.77 8.90
CA MET A 106 18.61 -1.84 10.05
C MET A 106 18.87 -0.43 9.52
N LEU A 107 17.83 0.42 9.50
CA LEU A 107 17.89 1.79 8.94
C LEU A 107 17.28 2.78 9.95
N PHE A 108 17.74 4.03 9.89
CA PHE A 108 17.22 5.14 10.74
C PHE A 108 15.94 5.69 10.10
N HIS A 109 15.02 6.14 10.96
CA HIS A 109 13.80 6.88 10.56
C HIS A 109 13.67 8.15 11.41
N GLY A 110 13.46 9.28 10.74
CA GLY A 110 13.11 10.57 11.37
C GLY A 110 11.78 11.06 10.85
N SER A 111 10.90 11.51 11.76
CA SER A 111 9.62 12.20 11.46
C SER A 111 9.06 12.77 12.75
N PRO A 112 8.12 13.75 12.69
CA PRO A 112 7.47 14.26 13.89
C PRO A 112 6.50 13.29 14.59
N PHE A 113 6.38 12.04 14.12
CA PHE A 113 5.28 11.10 14.48
C PHE A 113 5.83 9.87 15.19
N VAL A 114 7.05 9.95 15.71
CA VAL A 114 7.80 8.82 16.33
C VAL A 114 6.97 8.18 17.45
N ASN A 115 6.38 9.00 18.33
N ASN A 115 6.38 8.99 18.32
CA ASN A 115 5.58 8.55 19.51
CA ASN A 115 5.62 8.48 19.50
C ASN A 115 4.35 7.77 19.01
C ASN A 115 4.34 7.77 19.02
N ALA A 116 3.71 8.24 17.94
CA ALA A 116 2.55 7.56 17.32
C ALA A 116 2.99 6.21 16.75
N ILE A 117 4.13 6.18 16.07
CA ILE A 117 4.66 4.99 15.32
C ILE A 117 4.96 3.85 16.31
N ILE A 118 5.56 4.13 17.46
CA ILE A 118 5.99 3.08 18.43
C ILE A 118 4.76 2.43 19.08
N HIS A 119 3.60 3.11 19.08
CA HIS A 119 2.34 2.61 19.68
C HIS A 119 1.48 1.93 18.61
N LYS A 120 1.35 2.53 17.43
CA LYS A 120 0.36 2.14 16.38
C LYS A 120 1.06 1.48 15.17
N GLY A 121 2.40 1.55 15.10
CA GLY A 121 3.19 1.07 13.94
C GLY A 121 3.27 2.12 12.84
N PHE A 122 4.13 1.92 11.85
CA PHE A 122 4.24 2.78 10.64
C PHE A 122 2.94 2.69 9.85
N ASP A 123 2.52 3.81 9.25
CA ASP A 123 1.23 3.92 8.52
C ASP A 123 1.43 4.78 7.26
N GLU A 124 1.40 4.14 6.08
CA GLU A 124 1.66 4.77 4.76
C GLU A 124 0.55 5.79 4.43
N ARG A 125 -0.61 5.69 5.08
CA ARG A 125 -1.76 6.60 4.85
C ARG A 125 -1.41 8.03 5.27
N HIS A 126 -0.36 8.22 6.08
CA HIS A 126 0.12 9.56 6.55
C HIS A 126 1.32 10.02 5.72
N ALA A 127 1.69 9.29 4.66
CA ALA A 127 2.84 9.59 3.77
C ALA A 127 2.56 10.87 2.99
N TYR A 128 3.60 11.69 2.77
CA TYR A 128 3.54 12.98 2.04
C TYR A 128 3.54 12.69 0.53
N ILE A 129 2.54 13.22 -0.19
CA ILE A 129 2.20 12.92 -1.61
C ILE A 129 3.25 13.54 -2.56
N GLY A 130 4.10 14.44 -2.06
CA GLY A 130 4.94 15.33 -2.87
C GLY A 130 6.44 15.03 -2.78
N GLY A 131 6.86 14.04 -1.98
CA GLY A 131 8.28 13.66 -1.80
C GLY A 131 8.92 13.20 -3.11
N MET A 132 10.24 12.96 -3.10
CA MET A 132 11.04 12.62 -4.32
C MET A 132 10.54 11.30 -4.92
N PHE A 133 10.17 10.34 -4.06
CA PHE A 133 9.79 8.95 -4.41
C PHE A 133 8.31 8.71 -4.08
N GLY A 134 7.53 9.78 -4.03
CA GLY A 134 6.07 9.75 -3.84
C GLY A 134 5.66 9.38 -2.43
N ALA A 135 4.44 8.86 -2.27
CA ALA A 135 3.77 8.63 -0.97
C ALA A 135 4.30 7.36 -0.30
N GLY A 136 5.53 7.41 0.21
CA GLY A 136 6.18 6.30 0.94
C GLY A 136 6.74 6.77 2.27
N ILE A 137 7.24 5.82 3.07
CA ILE A 137 7.88 6.07 4.39
C ILE A 137 9.39 5.98 4.20
N TYR A 138 10.12 7.04 4.56
CA TYR A 138 11.54 7.23 4.23
C TYR A 138 12.42 6.73 5.38
N PHE A 139 13.49 6.01 5.02
CA PHE A 139 14.57 5.55 5.93
C PHE A 139 15.93 5.95 5.31
N ALA A 140 16.98 5.91 6.13
CA ALA A 140 18.36 6.26 5.74
C ALA A 140 19.34 5.34 6.46
N GLU A 141 20.51 5.11 5.87
CA GLU A 141 21.65 4.39 6.49
C GLU A 141 22.52 5.40 7.26
N ASN A 142 22.26 6.70 7.08
CA ASN A 142 22.96 7.80 7.77
C ASN A 142 22.00 8.45 8.77
N SER A 143 22.30 8.34 10.07
CA SER A 143 21.53 8.94 11.19
C SER A 143 21.29 10.44 10.92
N SER A 144 22.31 11.13 10.40
CA SER A 144 22.30 12.59 10.17
C SER A 144 21.30 12.94 9.05
N LYS A 145 21.05 12.02 8.12
CA LYS A 145 20.03 12.22 7.05
C LYS A 145 18.64 12.19 7.69
N SER A 146 18.33 11.16 8.49
CA SER A 146 17.02 11.00 9.19
C SER A 146 16.81 12.16 10.17
N ASN A 147 17.88 12.65 10.80
CA ASN A 147 17.86 13.80 11.74
C ASN A 147 17.23 15.03 11.07
N GLN A 148 17.41 15.17 9.75
CA GLN A 148 16.88 16.34 8.97
C GLN A 148 15.34 16.35 8.95
N TYR A 149 14.68 15.21 9.22
CA TYR A 149 13.21 15.06 9.07
C TYR A 149 12.52 15.05 10.43
N VAL A 150 13.27 15.08 11.53
CA VAL A 150 12.75 14.97 12.93
C VAL A 150 11.66 16.02 13.16
N TYR A 151 11.84 17.24 12.66
CA TYR A 151 10.92 18.39 12.89
C TYR A 151 10.11 18.69 11.62
N GLY A 152 10.11 17.77 10.66
CA GLY A 152 9.31 17.87 9.40
C GLY A 152 10.19 17.79 8.17
N ILE A 153 9.58 17.88 6.99
CA ILE A 153 10.28 17.95 5.66
C ILE A 153 11.24 19.15 5.69
N GLY A 154 12.51 18.94 5.32
CA GLY A 154 13.56 19.98 5.35
C GLY A 154 13.70 20.62 6.73
N GLY A 155 13.44 19.85 7.79
CA GLY A 155 13.57 20.28 9.19
C GLY A 155 12.42 21.16 9.65
N GLY A 156 11.41 21.37 8.81
CA GLY A 156 10.23 22.22 9.11
C GLY A 156 10.64 23.60 9.63
N THR A 157 10.02 24.04 10.72
CA THR A 157 10.28 25.35 11.39
C THR A 157 11.31 25.17 12.53
N GLY A 158 11.86 23.96 12.68
CA GLY A 158 12.80 23.61 13.77
C GLY A 158 12.08 23.12 15.00
N CYS A 159 12.75 23.16 16.16
CA CYS A 159 12.20 22.70 17.46
C CYS A 159 10.99 23.55 17.84
N PRO A 160 9.92 22.95 18.43
CA PRO A 160 8.73 23.71 18.80
C PRO A 160 8.97 24.88 19.78
N VAL A 161 10.01 24.81 20.62
CA VAL A 161 10.29 25.82 21.70
C VAL A 161 11.04 27.02 21.12
N HIS A 162 12.12 26.81 20.37
CA HIS A 162 13.07 27.88 19.92
C HIS A 162 12.98 28.16 18.41
N LYS A 163 12.16 27.38 17.66
CA LYS A 163 12.01 27.50 16.18
C LYS A 163 13.40 27.46 15.53
N ASP A 164 14.25 26.52 15.97
CA ASP A 164 15.68 26.42 15.58
C ASP A 164 15.96 24.99 15.08
N ARG A 165 16.32 24.85 13.81
CA ARG A 165 16.63 23.54 13.19
C ARG A 165 17.98 23.04 13.68
N SER A 166 18.81 23.93 14.24
CA SER A 166 20.15 23.62 14.80
C SER A 166 20.14 23.65 16.33
N CYS A 167 18.97 23.50 16.95
CA CYS A 167 18.80 23.59 18.43
C CYS A 167 19.62 22.50 19.10
N TYR A 168 20.48 22.89 20.05
CA TYR A 168 21.37 21.99 20.83
C TYR A 168 20.73 21.66 22.18
N ILE A 169 19.62 22.33 22.49
CA ILE A 169 18.94 22.28 23.82
C ILE A 169 17.85 21.20 23.79
N CYS A 170 16.91 21.32 22.85
CA CYS A 170 15.72 20.44 22.75
C CYS A 170 16.15 19.02 22.41
N HIS A 171 15.51 18.03 23.02
CA HIS A 171 15.80 16.58 22.87
C HIS A 171 15.04 16.04 21.66
N ARG A 172 15.75 15.37 20.75
CA ARG A 172 15.20 14.77 19.51
C ARG A 172 15.01 13.27 19.73
N GLN A 173 14.18 12.63 18.91
CA GLN A 173 14.01 11.16 18.88
C GLN A 173 14.11 10.66 17.44
N LEU A 174 14.99 9.68 17.20
CA LEU A 174 15.05 8.86 15.95
C LEU A 174 14.58 7.45 16.27
N LEU A 175 14.09 6.73 15.26
CA LEU A 175 13.87 5.27 15.33
C LEU A 175 14.99 4.59 14.52
N PHE A 176 15.59 3.54 15.09
CA PHE A 176 16.48 2.58 14.39
C PHE A 176 15.65 1.32 14.16
N CYS A 177 15.27 1.08 12.90
CA CYS A 177 14.15 0.19 12.51
C CYS A 177 14.66 -1.02 11.73
N ARG A 178 13.99 -2.16 11.93
CA ARG A 178 14.07 -3.36 11.06
C ARG A 178 13.19 -3.09 9.84
N VAL A 179 13.78 -3.03 8.65
CA VAL A 179 13.07 -2.66 7.39
C VAL A 179 13.27 -3.76 6.35
N THR A 180 12.16 -4.34 5.85
CA THR A 180 12.13 -5.29 4.72
C THR A 180 12.06 -4.50 3.41
N LEU A 181 13.13 -4.53 2.62
CA LEU A 181 13.22 -3.82 1.31
C LEU A 181 12.79 -4.74 0.16
N GLY A 182 12.91 -6.07 0.36
CA GLY A 182 12.66 -7.08 -0.70
C GLY A 182 13.44 -6.76 -1.95
N LYS A 183 12.78 -6.86 -3.12
CA LYS A 183 13.35 -6.39 -4.41
C LYS A 183 13.20 -4.87 -4.47
N SER A 184 14.30 -4.14 -4.28
CA SER A 184 14.32 -2.66 -4.21
C SER A 184 14.60 -2.11 -5.61
N PHE A 185 13.71 -1.23 -6.10
CA PHE A 185 13.87 -0.53 -7.40
C PHE A 185 14.82 0.66 -7.23
N LEU A 186 15.89 0.70 -8.01
CA LEU A 186 16.92 1.79 -7.98
C LEU A 186 16.41 2.96 -8.84
N GLN A 187 16.37 4.17 -8.26
CA GLN A 187 15.89 5.43 -8.90
C GLN A 187 16.80 6.60 -8.50
N PHE A 188 16.84 7.63 -9.35
CA PHE A 188 17.37 8.99 -9.03
C PHE A 188 16.22 9.93 -8.65
N SER A 189 16.57 11.06 -8.02
CA SER A 189 15.64 12.16 -7.61
C SER A 189 15.55 13.19 -8.75
N MET A 193 4.74 8.84 -7.61
CA MET A 193 4.64 7.37 -7.37
C MET A 193 3.87 7.11 -6.07
N ALA A 194 3.04 6.07 -6.05
CA ALA A 194 2.07 5.76 -4.97
C ALA A 194 2.43 4.45 -4.26
N HIS A 195 2.85 3.43 -5.01
CA HIS A 195 3.23 2.09 -4.51
C HIS A 195 4.60 1.72 -5.08
N SER A 196 5.16 0.60 -4.63
CA SER A 196 6.37 -0.04 -5.23
C SER A 196 6.13 -0.23 -6.73
N PRO A 197 7.15 -0.05 -7.60
CA PRO A 197 7.02 -0.47 -8.98
C PRO A 197 6.58 -1.92 -9.07
N PRO A 198 5.89 -2.33 -10.16
CA PRO A 198 5.48 -3.73 -10.33
C PRO A 198 6.65 -4.69 -10.08
N GLY A 199 6.41 -5.78 -9.35
CA GLY A 199 7.40 -6.82 -9.03
C GLY A 199 8.36 -6.45 -7.90
N HIS A 200 8.29 -5.21 -7.40
CA HIS A 200 9.24 -4.66 -6.38
C HIS A 200 8.53 -4.41 -5.04
N HIS A 201 9.30 -4.22 -3.98
CA HIS A 201 8.79 -4.10 -2.58
C HIS A 201 9.23 -2.79 -1.93
N SER A 202 10.17 -2.05 -2.54
CA SER A 202 10.73 -0.79 -2.02
C SER A 202 11.40 0.01 -3.15
N VAL A 203 11.80 1.24 -2.85
CA VAL A 203 12.64 2.09 -3.75
C VAL A 203 13.91 2.45 -3.00
N THR A 204 15.08 2.27 -3.63
CA THR A 204 16.38 2.76 -3.14
C THR A 204 16.75 4.00 -3.97
N GLY A 205 16.62 5.18 -3.38
CA GLY A 205 17.14 6.45 -3.93
C GLY A 205 18.65 6.45 -3.88
N ARG A 206 19.28 6.87 -4.97
CA ARG A 206 20.74 6.71 -5.20
C ARG A 206 21.34 8.08 -5.51
N PRO A 207 22.61 8.33 -5.10
CA PRO A 207 23.25 9.64 -5.30
C PRO A 207 23.31 10.05 -6.77
N SER A 208 22.92 11.29 -7.05
CA SER A 208 22.99 11.96 -8.39
C SER A 208 23.67 13.32 -8.23
N VAL A 209 24.42 13.75 -9.23
CA VAL A 209 25.12 15.08 -9.26
C VAL A 209 24.08 16.20 -9.25
N ASN A 210 22.87 15.94 -9.78
CA ASN A 210 21.72 16.89 -9.82
C ASN A 210 20.52 16.32 -9.04
N GLY A 211 20.77 15.56 -7.97
CA GLY A 211 19.71 14.92 -7.15
C GLY A 211 20.16 14.65 -5.72
N LEU A 212 20.10 13.39 -5.29
CA LEU A 212 20.48 12.95 -3.91
C LEU A 212 22.00 13.03 -3.73
N ALA A 213 22.45 13.08 -2.48
CA ALA A 213 23.88 13.02 -2.05
C ALA A 213 24.15 11.68 -1.35
N LEU A 214 23.14 11.15 -0.66
CA LEU A 214 23.23 9.92 0.18
C LEU A 214 22.06 8.98 -0.17
N ALA A 215 22.23 7.68 0.11
CA ALA A 215 21.23 6.61 -0.10
C ALA A 215 20.00 6.88 0.79
N GLU A 216 18.80 6.80 0.21
CA GLU A 216 17.51 6.82 0.95
C GLU A 216 16.68 5.63 0.48
N TYR A 217 15.95 5.02 1.41
CA TYR A 217 15.11 3.82 1.17
C TYR A 217 13.66 4.16 1.51
N VAL A 218 12.73 3.73 0.65
CA VAL A 218 11.28 4.08 0.75
C VAL A 218 10.47 2.79 0.67
N ILE A 219 9.54 2.60 1.60
CA ILE A 219 8.51 1.51 1.59
C ILE A 219 7.15 2.19 1.44
N TYR A 220 6.16 1.46 0.91
CA TYR A 220 4.81 1.98 0.58
C TYR A 220 3.76 1.20 1.39
N ARG A 221 4.22 0.37 2.32
CA ARG A 221 3.39 -0.46 3.24
C ARG A 221 4.04 -0.41 4.62
N GLY A 222 3.31 0.15 5.60
CA GLY A 222 3.82 0.40 6.96
C GLY A 222 4.34 -0.86 7.63
N GLU A 223 3.77 -2.02 7.28
CA GLU A 223 4.09 -3.32 7.93
C GLU A 223 5.44 -3.86 7.43
N GLN A 224 6.14 -3.17 6.52
CA GLN A 224 7.47 -3.58 6.01
C GLN A 224 8.59 -2.97 6.86
N ALA A 225 8.24 -2.31 7.98
CA ALA A 225 9.22 -1.75 8.94
C ALA A 225 8.73 -2.00 10.38
N TYR A 226 9.65 -2.34 11.28
CA TYR A 226 9.41 -2.44 12.75
C TYR A 226 10.29 -1.41 13.45
N PRO A 227 9.71 -0.53 14.29
CA PRO A 227 10.49 0.48 15.01
C PRO A 227 11.16 -0.11 16.27
N GLU A 228 12.31 -0.76 16.09
CA GLU A 228 12.94 -1.64 17.11
C GLU A 228 13.54 -0.81 18.25
N TYR A 229 14.21 0.30 17.95
CA TYR A 229 14.90 1.15 18.96
C TYR A 229 14.44 2.60 18.86
N LEU A 230 14.08 3.19 19.99
CA LEU A 230 13.76 4.63 20.16
C LEU A 230 14.98 5.30 20.79
N ILE A 231 15.62 6.21 20.06
CA ILE A 231 16.88 6.89 20.46
C ILE A 231 16.52 8.34 20.82
N THR A 232 16.71 8.71 22.09
CA THR A 232 16.57 10.10 22.60
C THR A 232 17.96 10.72 22.66
N TYR A 233 18.15 11.87 22.01
CA TYR A 233 19.48 12.49 21.80
C TYR A 233 19.35 13.99 21.60
N GLN A 234 20.49 14.68 21.71
CA GLN A 234 20.70 16.05 21.19
C GLN A 234 21.80 15.97 20.12
N ILE A 235 21.76 16.87 19.13
CA ILE A 235 22.96 17.19 18.30
C ILE A 235 23.90 17.96 19.22
N MET A 236 25.20 17.66 19.13
CA MET A 236 26.27 18.26 19.99
C MET A 236 26.81 19.50 19.29
N ARG A 237 26.90 20.63 20.01
CA ARG A 237 27.58 21.86 19.51
C ARG A 237 29.04 21.52 19.24
N PRO A 238 29.55 21.74 18.01
CA PRO A 238 30.97 21.53 17.71
C PRO A 238 31.87 22.51 18.50
N GLU A 239 33.09 22.09 18.85
CA GLU A 239 34.11 22.96 19.51
C GLU A 239 34.64 23.97 18.49
N SER B 29 1.51 -21.26 -9.92
CA SER B 29 0.20 -20.82 -9.36
C SER B 29 -0.55 -22.02 -8.74
N GLY B 30 -1.22 -21.79 -7.61
CA GLY B 30 -2.03 -22.80 -6.90
C GLY B 30 -3.52 -22.61 -7.14
N THR B 31 -3.90 -21.93 -8.23
CA THR B 31 -5.32 -21.61 -8.56
C THR B 31 -5.97 -22.80 -9.26
N ILE B 32 -7.09 -23.27 -8.71
CA ILE B 32 -8.01 -24.27 -9.32
C ILE B 32 -9.33 -23.56 -9.64
N LEU B 33 -9.88 -23.80 -10.83
CA LEU B 33 -11.19 -23.25 -11.28
C LEU B 33 -12.23 -24.37 -11.21
N ILE B 34 -13.32 -24.15 -10.48
CA ILE B 34 -14.45 -25.13 -10.32
C ILE B 34 -15.61 -24.64 -11.20
N ASP B 35 -15.87 -25.35 -12.29
CA ASP B 35 -16.97 -25.04 -13.25
C ASP B 35 -18.31 -25.29 -12.53
N LEU B 36 -19.12 -24.24 -12.36
CA LEU B 36 -20.47 -24.37 -11.77
C LEU B 36 -21.47 -24.72 -12.88
N SER B 37 -22.35 -25.67 -12.62
CA SER B 37 -23.45 -26.08 -13.54
C SER B 37 -24.53 -25.00 -13.54
N PRO B 38 -25.13 -24.66 -14.70
CA PRO B 38 -26.23 -23.70 -14.75
C PRO B 38 -27.42 -24.02 -13.83
N ASP B 39 -27.60 -25.29 -13.46
CA ASP B 39 -28.70 -25.79 -12.58
C ASP B 39 -28.34 -25.58 -11.10
N ASP B 40 -27.07 -25.28 -10.81
CA ASP B 40 -26.54 -25.02 -9.43
C ASP B 40 -27.07 -23.67 -8.94
N LYS B 41 -27.54 -23.60 -7.69
CA LYS B 41 -28.09 -22.38 -7.05
C LYS B 41 -27.00 -21.31 -6.93
N GLU B 42 -25.73 -21.72 -6.76
CA GLU B 42 -24.56 -20.81 -6.63
C GLU B 42 -24.31 -20.11 -7.98
N PHE B 43 -24.37 -20.87 -9.10
CA PHE B 43 -24.32 -20.33 -10.48
C PHE B 43 -25.43 -19.31 -10.68
N GLN B 44 -26.67 -19.71 -10.37
CA GLN B 44 -27.90 -18.92 -10.59
C GLN B 44 -27.84 -17.61 -9.77
N SER B 45 -27.29 -17.67 -8.57
CA SER B 45 -27.15 -16.51 -7.64
C SER B 45 -26.23 -15.45 -8.26
N VAL B 46 -25.07 -15.87 -8.78
CA VAL B 46 -24.08 -14.97 -9.45
C VAL B 46 -24.68 -14.47 -10.78
N GLU B 47 -25.33 -15.37 -11.52
CA GLU B 47 -26.01 -15.09 -12.82
C GLU B 47 -27.05 -13.97 -12.62
N GLU B 48 -27.88 -14.05 -11.58
CA GLU B 48 -28.97 -13.09 -11.32
C GLU B 48 -28.38 -11.73 -10.92
N GLU B 49 -27.34 -11.73 -10.06
CA GLU B 49 -26.62 -10.50 -9.63
C GLU B 49 -26.05 -9.80 -10.87
N MET B 50 -25.49 -10.58 -11.80
CA MET B 50 -24.92 -10.07 -13.06
C MET B 50 -26.02 -9.37 -13.88
N GLN B 51 -27.14 -10.06 -14.12
CA GLN B 51 -28.24 -9.57 -15.01
C GLN B 51 -28.99 -8.41 -14.35
N SER B 52 -29.32 -8.52 -13.07
CA SER B 52 -30.24 -7.61 -12.34
C SER B 52 -29.59 -6.25 -12.06
N THR B 53 -28.26 -6.16 -12.08
CA THR B 53 -27.50 -4.93 -11.70
C THR B 53 -27.05 -4.17 -12.95
N VAL B 54 -27.57 -4.53 -14.13
CA VAL B 54 -27.34 -3.79 -15.41
C VAL B 54 -28.14 -2.47 -15.34
N ARG B 55 -27.52 -1.37 -15.77
CA ARG B 55 -28.15 -0.03 -15.88
C ARG B 55 -27.86 0.54 -17.28
N GLU B 56 -28.61 1.57 -17.68
CA GLU B 56 -28.27 2.42 -18.85
C GLU B 56 -27.32 3.51 -18.37
N HIS B 57 -26.18 3.67 -19.05
CA HIS B 57 -25.05 4.56 -18.63
C HIS B 57 -25.13 5.91 -19.34
N ARG B 58 -24.53 6.95 -18.73
CA ARG B 58 -24.50 8.35 -19.24
C ARG B 58 -23.94 8.39 -20.67
N ASP B 59 -22.99 7.51 -21.01
CA ASP B 59 -22.23 7.55 -22.29
C ASP B 59 -23.03 6.86 -23.41
N GLY B 60 -24.23 6.35 -23.13
CA GLY B 60 -25.09 5.66 -24.12
C GLY B 60 -24.43 4.42 -24.70
N GLY B 61 -23.55 3.77 -23.93
CA GLY B 61 -22.88 2.50 -24.30
C GLY B 61 -21.58 2.71 -25.07
N HIS B 62 -21.03 3.93 -25.07
CA HIS B 62 -19.76 4.27 -25.77
C HIS B 62 -18.64 3.32 -25.30
N ALA B 63 -18.53 3.10 -23.99
CA ALA B 63 -17.43 2.36 -23.32
C ALA B 63 -17.68 0.84 -23.34
N GLY B 64 -18.87 0.41 -22.89
CA GLY B 64 -19.18 -1.01 -22.63
C GLY B 64 -20.09 -1.65 -23.68
N GLY B 65 -20.67 -0.85 -24.58
CA GLY B 65 -21.56 -1.33 -25.66
C GLY B 65 -23.02 -1.14 -25.31
N ILE B 66 -23.92 -1.43 -26.27
CA ILE B 66 -25.39 -1.30 -26.12
C ILE B 66 -25.98 -2.68 -25.85
N PHE B 67 -26.63 -2.85 -24.70
CA PHE B 67 -27.22 -4.13 -24.22
C PHE B 67 -28.10 -3.83 -23.01
N ASN B 68 -29.09 -4.70 -22.76
CA ASN B 68 -29.93 -4.68 -21.53
C ASN B 68 -29.70 -5.97 -20.74
N ARG B 69 -28.99 -6.94 -21.34
CA ARG B 69 -28.84 -8.31 -20.81
CA ARG B 69 -28.87 -8.34 -20.85
C ARG B 69 -27.51 -8.91 -21.29
N TYR B 70 -27.04 -9.95 -20.61
CA TYR B 70 -25.83 -10.74 -20.99
C TYR B 70 -26.25 -12.15 -21.41
N ASN B 71 -25.41 -12.78 -22.23
CA ASN B 71 -25.37 -14.25 -22.46
C ASN B 71 -24.31 -14.82 -21.49
N ILE B 72 -24.76 -15.39 -20.37
CA ILE B 72 -23.85 -15.96 -19.32
C ILE B 72 -23.42 -17.36 -19.79
N LEU B 73 -22.15 -17.49 -20.17
CA LEU B 73 -21.58 -18.71 -20.81
C LEU B 73 -21.00 -19.65 -19.74
N LYS B 74 -20.30 -19.09 -18.76
CA LYS B 74 -19.56 -19.89 -17.75
C LYS B 74 -19.35 -19.07 -16.47
N ILE B 75 -19.58 -19.70 -15.32
CA ILE B 75 -19.24 -19.17 -13.96
C ILE B 75 -18.37 -20.22 -13.27
N GLN B 76 -17.17 -19.81 -12.84
CA GLN B 76 -16.17 -20.69 -12.18
C GLN B 76 -15.84 -20.09 -10.81
N LYS B 77 -15.92 -20.88 -9.74
CA LYS B 77 -15.34 -20.55 -8.41
C LYS B 77 -13.82 -20.58 -8.55
N VAL B 78 -13.14 -19.50 -8.16
CA VAL B 78 -11.66 -19.39 -8.11
C VAL B 78 -11.22 -19.89 -6.73
N CYS B 79 -10.46 -20.99 -6.68
CA CYS B 79 -9.94 -21.60 -5.43
CA CYS B 79 -9.94 -21.60 -5.42
C CYS B 79 -8.41 -21.48 -5.41
N ASN B 80 -7.89 -20.66 -4.50
CA ASN B 80 -6.43 -20.46 -4.30
C ASN B 80 -6.19 -20.26 -2.80
N LYS B 81 -5.65 -21.28 -2.13
CA LYS B 81 -5.36 -21.33 -0.67
C LYS B 81 -4.60 -20.06 -0.26
N LYS B 82 -3.47 -19.80 -0.91
CA LYS B 82 -2.56 -18.67 -0.57
C LYS B 82 -3.34 -17.36 -0.66
N LEU B 83 -4.06 -17.14 -1.77
CA LEU B 83 -4.79 -15.87 -2.03
C LEU B 83 -5.92 -15.70 -1.01
N TRP B 84 -6.59 -16.80 -0.62
CA TRP B 84 -7.67 -16.78 0.39
C TRP B 84 -7.13 -16.38 1.77
N GLU B 85 -5.99 -16.95 2.17
CA GLU B 85 -5.34 -16.70 3.49
C GLU B 85 -4.85 -15.23 3.54
N ARG B 86 -4.28 -14.74 2.44
CA ARG B 86 -3.87 -13.32 2.27
C ARG B 86 -5.09 -12.43 2.54
N TYR B 87 -6.23 -12.75 1.95
CA TYR B 87 -7.50 -11.98 2.07
C TYR B 87 -7.98 -11.98 3.53
N THR B 88 -8.21 -13.16 4.12
CA THR B 88 -8.80 -13.31 5.48
C THR B 88 -7.89 -12.64 6.52
N HIS B 89 -6.56 -12.74 6.38
CA HIS B 89 -5.56 -12.11 7.28
C HIS B 89 -5.78 -10.59 7.29
N ARG B 90 -5.86 -9.99 6.09
CA ARG B 90 -6.07 -8.53 5.90
C ARG B 90 -7.46 -8.15 6.46
N ARG B 91 -8.46 -9.00 6.22
CA ARG B 91 -9.86 -8.78 6.63
C ARG B 91 -9.93 -8.63 8.16
N LYS B 92 -9.20 -9.48 8.88
CA LYS B 92 -9.12 -9.46 10.37
C LYS B 92 -8.54 -8.11 10.82
N GLU B 93 -7.44 -7.67 10.20
CA GLU B 93 -6.76 -6.38 10.55
C GLU B 93 -7.72 -5.22 10.33
N VAL B 94 -8.45 -5.21 9.21
CA VAL B 94 -9.42 -4.13 8.86
C VAL B 94 -10.55 -4.12 9.91
N SER B 95 -11.08 -5.29 10.27
CA SER B 95 -12.15 -5.45 11.28
C SER B 95 -11.75 -4.78 12.60
N GLU B 96 -10.52 -5.01 13.07
CA GLU B 96 -10.02 -4.50 14.38
C GLU B 96 -9.89 -2.98 14.33
N GLU B 97 -9.67 -2.40 13.14
CA GLU B 97 -9.54 -0.93 12.95
C GLU B 97 -10.91 -0.29 12.65
N ASN B 98 -12.00 -1.08 12.56
CA ASN B 98 -13.33 -0.61 12.10
C ASN B 98 -14.44 -1.22 12.98
N HIS B 99 -14.26 -1.18 14.31
CA HIS B 99 -15.28 -1.55 15.32
C HIS B 99 -15.70 -3.01 15.12
N ASN B 100 -14.74 -3.89 14.84
CA ASN B 100 -14.91 -5.35 14.66
C ASN B 100 -15.91 -5.64 13.52
N HIS B 101 -15.89 -4.83 12.45
CA HIS B 101 -16.63 -5.13 11.20
C HIS B 101 -15.78 -4.83 9.96
N ALA B 102 -15.64 -5.84 9.09
CA ALA B 102 -14.85 -5.82 7.85
C ALA B 102 -15.50 -4.89 6.83
N ASN B 103 -16.83 -4.74 6.88
CA ASN B 103 -17.63 -4.05 5.81
C ASN B 103 -17.33 -4.79 4.49
N GLU B 104 -17.50 -6.11 4.52
CA GLU B 104 -17.28 -7.01 3.35
C GLU B 104 -18.47 -6.89 2.40
N ARG B 105 -18.20 -6.73 1.11
CA ARG B 105 -19.21 -6.63 0.02
C ARG B 105 -18.80 -7.59 -1.11
N MET B 106 -19.80 -8.18 -1.77
CA MET B 106 -19.63 -8.85 -3.09
C MET B 106 -19.79 -7.78 -4.18
N LEU B 107 -18.71 -7.47 -4.91
CA LEU B 107 -18.68 -6.42 -5.96
C LEU B 107 -18.05 -6.98 -7.24
N PHE B 108 -18.43 -6.40 -8.38
CA PHE B 108 -17.89 -6.76 -9.71
C PHE B 108 -16.57 -6.02 -9.93
N HIS B 109 -15.64 -6.67 -10.66
CA HIS B 109 -14.38 -6.06 -11.16
C HIS B 109 -14.23 -6.34 -12.65
N GLY B 110 -13.94 -5.29 -13.43
CA GLY B 110 -13.54 -5.38 -14.84
C GLY B 110 -12.19 -4.76 -15.05
N SER B 111 -11.32 -5.45 -15.80
CA SER B 111 -10.01 -4.96 -16.28
C SER B 111 -9.46 -5.94 -17.31
N PRO B 112 -8.48 -5.55 -18.15
CA PRO B 112 -7.85 -6.48 -19.07
C PRO B 112 -6.92 -7.54 -18.44
N PHE B 113 -6.85 -7.60 -17.10
CA PHE B 113 -5.80 -8.35 -16.35
C PHE B 113 -6.41 -9.47 -15.51
N VAL B 114 -7.66 -9.85 -15.81
CA VAL B 114 -8.48 -10.84 -15.06
C VAL B 114 -7.71 -12.16 -14.92
N ASN B 115 -7.10 -12.65 -16.00
CA ASN B 115 -6.38 -13.95 -16.03
C ASN B 115 -5.16 -13.88 -15.09
N ALA B 116 -4.46 -12.75 -15.06
CA ALA B 116 -3.32 -12.52 -14.15
C ALA B 116 -3.82 -12.51 -12.69
N ILE B 117 -4.95 -11.84 -12.43
CA ILE B 117 -5.52 -11.61 -11.07
C ILE B 117 -5.90 -12.96 -10.43
N ILE B 118 -6.52 -13.87 -11.19
CA ILE B 118 -7.04 -15.16 -10.63
C ILE B 118 -5.86 -16.08 -10.23
N HIS B 119 -4.68 -15.86 -10.82
CA HIS B 119 -3.46 -16.68 -10.57
C HIS B 119 -2.59 -16.02 -9.49
N LYS B 120 -2.38 -14.70 -9.57
CA LYS B 120 -1.40 -13.95 -8.73
C LYS B 120 -2.11 -13.10 -7.66
N GLY B 121 -3.43 -12.94 -7.73
CA GLY B 121 -4.21 -12.05 -6.85
C GLY B 121 -4.21 -10.63 -7.38
N PHE B 122 -5.07 -9.75 -6.82
CA PHE B 122 -5.09 -8.30 -7.12
C PHE B 122 -3.76 -7.69 -6.66
N ASP B 123 -3.25 -6.73 -7.43
CA ASP B 123 -1.92 -6.11 -7.22
C ASP B 123 -2.03 -4.61 -7.46
N GLU B 124 -1.97 -3.81 -6.40
CA GLU B 124 -2.13 -2.33 -6.44
C GLU B 124 -0.95 -1.69 -7.17
N ARG B 125 0.17 -2.40 -7.33
CA ARG B 125 1.39 -1.90 -8.03
C ARG B 125 1.08 -1.66 -9.52
N HIS B 126 0.03 -2.29 -10.06
CA HIS B 126 -0.41 -2.15 -11.48
C HIS B 126 -1.58 -1.17 -11.59
N ALA B 127 -1.95 -0.50 -10.50
CA ALA B 127 -3.04 0.51 -10.47
C ALA B 127 -2.66 1.73 -11.31
N TYR B 128 -3.63 2.33 -12.00
CA TYR B 128 -3.46 3.52 -12.88
C TYR B 128 -3.31 4.77 -12.02
N ILE B 129 -2.20 5.50 -12.18
CA ILE B 129 -1.76 6.56 -11.21
C ILE B 129 -2.46 7.88 -11.53
N GLY B 130 -3.38 7.91 -12.51
CA GLY B 130 -4.31 9.03 -12.75
C GLY B 130 -5.69 8.74 -12.16
N GLY B 131 -6.75 9.26 -12.78
CA GLY B 131 -8.14 8.95 -12.39
C GLY B 131 -8.55 9.66 -11.11
N MET B 132 -9.87 9.75 -10.89
CA MET B 132 -10.48 10.62 -9.85
C MET B 132 -10.10 10.12 -8.45
N PHE B 133 -9.93 8.81 -8.26
CA PHE B 133 -9.69 8.18 -6.94
C PHE B 133 -8.25 7.68 -6.81
N GLY B 134 -7.38 8.05 -7.76
CA GLY B 134 -5.93 7.78 -7.69
C GLY B 134 -5.60 6.32 -7.93
N ALA B 135 -4.43 5.89 -7.45
CA ALA B 135 -3.81 4.57 -7.74
C ALA B 135 -4.47 3.49 -6.87
N GLY B 136 -5.72 3.13 -7.18
CA GLY B 136 -6.47 2.07 -6.49
C GLY B 136 -7.05 1.08 -7.47
N ILE B 137 -7.64 0.00 -6.96
CA ILE B 137 -8.31 -1.08 -7.74
C ILE B 137 -9.82 -0.85 -7.63
N TYR B 138 -10.50 -0.73 -8.77
CA TYR B 138 -11.90 -0.27 -8.88
C TYR B 138 -12.85 -1.47 -8.89
N PHE B 139 -13.94 -1.37 -8.13
CA PHE B 139 -15.07 -2.33 -8.09
C PHE B 139 -16.38 -1.56 -8.25
N ALA B 140 -17.48 -2.26 -8.57
CA ALA B 140 -18.82 -1.70 -8.78
C ALA B 140 -19.87 -2.68 -8.27
N GLU B 141 -21.03 -2.17 -7.87
CA GLU B 141 -22.22 -2.99 -7.50
C GLU B 141 -23.07 -3.23 -8.76
N ASN B 142 -22.74 -2.55 -9.86
CA ASN B 142 -23.39 -2.70 -11.19
C ASN B 142 -22.43 -3.41 -12.14
N SER B 143 -22.78 -4.62 -12.58
CA SER B 143 -22.01 -5.45 -13.55
C SER B 143 -21.71 -4.61 -14.80
N SER B 144 -22.67 -3.79 -15.25
CA SER B 144 -22.56 -2.98 -16.49
C SER B 144 -21.52 -1.87 -16.31
N LYS B 145 -21.27 -1.41 -15.09
CA LYS B 145 -20.20 -0.41 -14.81
C LYS B 145 -18.84 -1.08 -14.99
N SER B 146 -18.61 -2.25 -14.37
CA SER B 146 -17.35 -3.03 -14.48
C SER B 146 -17.12 -3.46 -15.93
N ASN B 147 -18.19 -3.78 -16.66
CA ASN B 147 -18.16 -4.18 -18.10
C ASN B 147 -17.46 -3.09 -18.93
N GLN B 148 -17.58 -1.82 -18.53
CA GLN B 148 -16.97 -0.67 -19.25
C GLN B 148 -15.43 -0.73 -19.24
N TYR B 149 -14.82 -1.45 -18.30
CA TYR B 149 -13.36 -1.46 -18.07
C TYR B 149 -12.72 -2.74 -18.58
N VAL B 150 -13.51 -3.70 -19.07
CA VAL B 150 -13.06 -5.06 -19.50
C VAL B 150 -11.93 -4.92 -20.52
N TYR B 151 -12.04 -3.97 -21.46
CA TYR B 151 -11.08 -3.77 -22.58
C TYR B 151 -10.21 -2.53 -22.34
N GLY B 152 -10.20 -2.00 -21.10
CA GLY B 152 -9.37 -0.86 -20.68
C GLY B 152 -10.20 0.29 -20.15
N ILE B 153 -9.54 1.39 -19.78
CA ILE B 153 -10.18 2.66 -19.33
C ILE B 153 -11.07 3.16 -20.46
N GLY B 154 -12.34 3.48 -20.15
CA GLY B 154 -13.36 3.91 -21.14
C GLY B 154 -13.51 2.91 -22.26
N GLY B 155 -13.33 1.61 -21.97
CA GLY B 155 -13.50 0.51 -22.92
C GLY B 155 -12.33 0.36 -23.89
N GLY B 156 -11.28 1.17 -23.72
CA GLY B 156 -10.09 1.18 -24.59
C GLY B 156 -10.45 1.25 -26.06
N THR B 157 -9.83 0.40 -26.90
CA THR B 157 -10.05 0.31 -28.37
C THR B 157 -11.13 -0.75 -28.67
N GLY B 158 -11.75 -1.34 -27.64
CA GLY B 158 -12.75 -2.41 -27.77
C GLY B 158 -12.10 -3.78 -27.79
N CYS B 159 -12.80 -4.79 -28.32
CA CYS B 159 -12.33 -6.20 -28.39
C CYS B 159 -11.09 -6.28 -29.28
N PRO B 160 -10.09 -7.11 -28.95
CA PRO B 160 -8.87 -7.21 -29.75
C PRO B 160 -9.08 -7.62 -31.22
N VAL B 161 -10.15 -8.37 -31.53
CA VAL B 161 -10.41 -8.95 -32.88
C VAL B 161 -11.08 -7.89 -33.79
N HIS B 162 -12.15 -7.23 -33.33
CA HIS B 162 -13.01 -6.35 -34.16
C HIS B 162 -12.85 -4.86 -33.80
N LYS B 163 -12.06 -4.52 -32.79
CA LYS B 163 -11.85 -3.12 -32.31
C LYS B 163 -13.22 -2.47 -32.04
N ASP B 164 -14.13 -3.19 -31.37
CA ASP B 164 -15.55 -2.80 -31.18
C ASP B 164 -15.87 -2.90 -29.68
N ARG B 165 -16.20 -1.78 -29.05
CA ARG B 165 -16.55 -1.71 -27.61
C ARG B 165 -17.95 -2.30 -27.39
N SER B 166 -18.74 -2.41 -28.46
CA SER B 166 -20.12 -2.97 -28.44
C SER B 166 -20.15 -4.36 -29.08
N CYS B 167 -19.02 -5.05 -29.15
CA CYS B 167 -18.89 -6.37 -29.83
C CYS B 167 -19.78 -7.39 -29.11
N TYR B 168 -20.66 -8.06 -29.87
CA TYR B 168 -21.62 -9.08 -29.39
C TYR B 168 -21.04 -10.49 -29.61
N ILE B 169 -19.90 -10.58 -30.32
CA ILE B 169 -19.27 -11.86 -30.75
C ILE B 169 -18.24 -12.28 -29.70
N CYS B 170 -17.27 -11.42 -29.40
CA CYS B 170 -16.11 -11.75 -28.54
C CYS B 170 -16.60 -11.97 -27.09
N HIS B 171 -16.01 -12.96 -26.42
CA HIS B 171 -16.35 -13.37 -25.03
C HIS B 171 -15.58 -12.51 -24.04
N ARG B 172 -16.29 -11.90 -23.08
CA ARG B 172 -15.73 -11.03 -22.02
C ARG B 172 -15.62 -11.82 -20.72
N GLN B 173 -14.78 -11.36 -19.78
CA GLN B 173 -14.69 -11.94 -18.42
C GLN B 173 -14.75 -10.82 -17.39
N LEU B 174 -15.67 -10.95 -16.41
CA LEU B 174 -15.73 -10.13 -15.17
C LEU B 174 -15.33 -11.01 -13.98
N LEU B 175 -14.85 -10.41 -12.91
CA LEU B 175 -14.71 -11.06 -11.59
C LEU B 175 -15.82 -10.55 -10.68
N PHE B 176 -16.49 -11.44 -9.96
CA PHE B 176 -17.40 -11.14 -8.83
C PHE B 176 -16.64 -11.48 -7.55
N CYS B 177 -16.23 -10.45 -6.82
CA CYS B 177 -15.14 -10.52 -5.80
C CYS B 177 -15.69 -10.26 -4.39
N ARG B 178 -15.09 -10.93 -3.42
CA ARG B 178 -15.21 -10.60 -1.98
C ARG B 178 -14.27 -9.42 -1.70
N VAL B 179 -14.83 -8.28 -1.29
CA VAL B 179 -14.07 -7.00 -1.11
C VAL B 179 -14.29 -6.47 0.31
N THR B 180 -13.20 -6.30 1.07
CA THR B 180 -13.18 -5.65 2.41
C THR B 180 -13.05 -4.14 2.20
N LEU B 181 -14.11 -3.38 2.52
CA LEU B 181 -14.14 -1.90 2.38
C LEU B 181 -13.70 -1.23 3.68
N GLY B 182 -13.87 -1.91 4.82
CA GLY B 182 -13.65 -1.36 6.16
C GLY B 182 -14.38 -0.02 6.31
N LYS B 183 -13.71 0.97 6.89
CA LYS B 183 -14.21 2.36 6.95
C LYS B 183 -13.95 3.02 5.59
N SER B 184 -14.99 3.18 4.79
CA SER B 184 -14.91 3.74 3.41
C SER B 184 -15.06 5.26 3.45
N PHE B 185 -14.09 5.97 2.88
CA PHE B 185 -14.09 7.46 2.74
C PHE B 185 -14.99 7.85 1.55
N LEU B 186 -15.97 8.71 1.79
CA LEU B 186 -16.92 9.19 0.74
C LEU B 186 -16.27 10.36 -0.01
N GLN B 187 -16.24 10.28 -1.36
CA GLN B 187 -15.76 11.36 -2.27
C GLN B 187 -16.75 11.54 -3.43
N PHE B 188 -16.90 12.79 -3.91
CA PHE B 188 -17.81 13.15 -5.03
C PHE B 188 -16.95 13.52 -6.24
N MET B 193 -4.56 10.80 -5.27
CA MET B 193 -4.56 9.94 -4.06
C MET B 193 -3.78 8.64 -4.33
N ALA B 194 -3.02 8.17 -3.34
CA ALA B 194 -2.11 7.01 -3.43
C ALA B 194 -2.59 5.86 -2.55
N HIS B 195 -3.04 6.17 -1.32
CA HIS B 195 -3.54 5.19 -0.31
C HIS B 195 -4.91 5.65 0.19
N SER B 196 -5.57 4.83 1.00
CA SER B 196 -6.77 5.22 1.79
C SER B 196 -6.43 6.46 2.60
N PRO B 197 -7.37 7.43 2.77
CA PRO B 197 -7.17 8.50 3.75
C PRO B 197 -6.86 7.92 5.13
N PRO B 198 -6.15 8.66 6.00
CA PRO B 198 -5.88 8.19 7.36
C PRO B 198 -7.15 7.69 8.05
N GLY B 199 -7.05 6.56 8.75
CA GLY B 199 -8.16 5.95 9.51
C GLY B 199 -9.13 5.17 8.63
N HIS B 200 -8.99 5.21 7.31
CA HIS B 200 -9.92 4.59 6.32
C HIS B 200 -9.24 3.44 5.57
N HIS B 201 -10.03 2.58 4.94
CA HIS B 201 -9.58 1.31 4.30
C HIS B 201 -9.96 1.26 2.81
N SER B 202 -10.83 2.15 2.35
CA SER B 202 -11.33 2.19 0.95
C SER B 202 -11.90 3.59 0.65
N VAL B 203 -12.26 3.84 -0.61
CA VAL B 203 -12.97 5.08 -1.06
C VAL B 203 -14.26 4.63 -1.76
N THR B 204 -15.39 5.22 -1.39
CA THR B 204 -16.70 5.06 -2.08
C THR B 204 -16.96 6.33 -2.90
N GLY B 205 -16.94 6.22 -4.23
CA GLY B 205 -17.25 7.33 -5.15
C GLY B 205 -18.65 7.21 -5.72
N ARG B 206 -19.47 8.26 -5.68
CA ARG B 206 -20.84 8.27 -6.28
C ARG B 206 -20.98 9.43 -7.27
N PRO B 207 -20.13 9.53 -8.31
CA PRO B 207 -20.26 10.61 -9.31
C PRO B 207 -21.61 10.60 -10.03
N LEU B 214 -23.34 6.29 -10.78
CA LEU B 214 -23.37 4.94 -10.16
C LEU B 214 -22.23 4.82 -9.13
N ALA B 215 -22.45 4.03 -8.07
CA ALA B 215 -21.50 3.83 -6.96
C ALA B 215 -20.26 3.08 -7.47
N GLU B 216 -19.07 3.55 -7.13
CA GLU B 216 -17.79 2.85 -7.38
C GLU B 216 -17.00 2.79 -6.07
N TYR B 217 -16.31 1.66 -5.86
CA TYR B 217 -15.53 1.36 -4.63
C TYR B 217 -14.08 1.12 -5.05
N VAL B 218 -13.13 1.70 -4.31
CA VAL B 218 -11.67 1.66 -4.61
C VAL B 218 -10.93 1.20 -3.37
N ILE B 219 -10.05 0.20 -3.53
CA ILE B 219 -9.09 -0.26 -2.48
C ILE B 219 -7.68 0.03 -2.99
N TYR B 220 -6.72 0.18 -2.07
CA TYR B 220 -5.32 0.59 -2.36
C TYR B 220 -4.36 -0.51 -1.93
N ARG B 221 -4.90 -1.67 -1.53
CA ARG B 221 -4.14 -2.88 -1.14
C ARG B 221 -4.84 -4.09 -1.77
N GLY B 222 -4.13 -4.80 -2.65
CA GLY B 222 -4.68 -5.92 -3.45
C GLY B 222 -5.28 -7.01 -2.57
N GLU B 223 -4.77 -7.18 -1.36
CA GLU B 223 -5.18 -8.27 -0.43
C GLU B 223 -6.53 -7.94 0.23
N GLN B 224 -7.15 -6.79 -0.07
CA GLN B 224 -8.48 -6.41 0.47
C GLN B 224 -9.59 -6.87 -0.47
N ALA B 225 -9.26 -7.64 -1.52
CA ALA B 225 -10.23 -8.26 -2.44
C ALA B 225 -9.81 -9.69 -2.77
N TYR B 226 -10.77 -10.61 -2.85
CA TYR B 226 -10.57 -12.00 -3.33
C TYR B 226 -11.41 -12.22 -4.58
N PRO B 227 -10.82 -12.65 -5.72
CA PRO B 227 -11.57 -12.86 -6.95
C PRO B 227 -12.30 -14.22 -6.93
N GLU B 228 -13.47 -14.26 -6.31
CA GLU B 228 -14.18 -15.51 -5.94
C GLU B 228 -14.79 -16.20 -7.17
N TYR B 229 -15.38 -15.45 -8.09
CA TYR B 229 -16.06 -15.99 -9.30
C TYR B 229 -15.51 -15.33 -10.57
N LEU B 230 -15.16 -16.16 -11.55
CA LEU B 230 -14.77 -15.75 -12.93
C LEU B 230 -15.97 -16.02 -13.84
N ILE B 231 -16.55 -14.94 -14.39
CA ILE B 231 -17.77 -14.96 -15.23
C ILE B 231 -17.36 -14.73 -16.69
N THR B 232 -17.56 -15.74 -17.54
CA THR B 232 -17.38 -15.64 -19.01
C THR B 232 -18.76 -15.39 -19.64
N TYR B 233 -18.88 -14.33 -20.45
CA TYR B 233 -20.17 -13.83 -20.96
C TYR B 233 -19.97 -13.05 -22.26
N GLN B 234 -21.08 -12.81 -22.97
CA GLN B 234 -21.21 -11.79 -24.03
C GLN B 234 -22.28 -10.79 -23.58
N ILE B 235 -22.16 -9.54 -24.01
CA ILE B 235 -23.31 -8.59 -24.02
C ILE B 235 -24.26 -9.07 -25.12
N MET B 236 -25.57 -9.05 -24.86
CA MET B 236 -26.62 -9.56 -25.77
C MET B 236 -27.07 -8.41 -26.67
N ARG B 237 -27.13 -8.65 -27.99
CA ARG B 237 -27.71 -7.70 -28.98
C ARG B 237 -29.18 -7.49 -28.61
N PRO B 238 -29.63 -6.24 -28.38
CA PRO B 238 -31.03 -5.95 -28.07
C PRO B 238 -31.97 -6.31 -29.22
N GLU B 239 -33.20 -6.75 -28.89
CA GLU B 239 -34.35 -6.92 -29.81
C GLU B 239 -35.38 -7.86 -29.15
#